data_5Q12
#
_entry.id   5Q12
#
_cell.length_a   93.315
_cell.length_b   93.315
_cell.length_c   47.882
_cell.angle_alpha   90.000
_cell.angle_beta   90.000
_cell.angle_gamma   120.000
#
_symmetry.space_group_name_H-M   'P 65'
#
loop_
_entity.id
_entity.type
_entity.pdbx_description
1 polymer 'Bile acid receptor'
2 polymer 'COACTIVATOR PEPTIDE SRC-1 HD3'
3 non-polymer 2-(2,6-difluorophenyl)-N-(2,6-dimethylphenyl)-5-methylimidazo[1,2-a]pyridin-3-amine
4 water water
#
loop_
_entity_poly.entity_id
_entity_poly.type
_entity_poly.pdbx_seq_one_letter_code
_entity_poly.pdbx_strand_id
1 'polypeptide(L)'
;GSHMELTPDQQTLLHFIMDSYNKQRMPQEITNKILKEAFSAEENFLILTEMATNHVQVLVEFTKKLPGFQTLDHEDQIAL
LKGSAVEAMFLRSAEIFNKKLPSGHSDLLEARIRNSGISDEYITPMFSFYKSIGELKMTQEEYALLTAIVILSPDRQYIK
DREAVEKLQEPLLDVLQKLCKIHQPENPQHFACLLGRLTELRTFNHHHAEMLMSWRVNDHKFTPLLCEIWDVQ
;
A
2 'polypeptide(L)' KDHQLLRYLLDKDE B
#
loop_
_chem_comp.id
_chem_comp.type
_chem_comp.name
_chem_comp.formula
9MA non-polymer 2-(2,6-difluorophenyl)-N-(2,6-dimethylphenyl)-5-methylimidazo[1,2-a]pyridin-3-amine 'C22 H19 F2 N3'
#
# COMPACT_ATOMS: atom_id res chain seq x y z
N MET A 4 -12.92 -10.67 -23.78
CA MET A 4 -11.95 -11.13 -24.77
C MET A 4 -10.84 -10.09 -25.03
N GLU A 5 -11.21 -8.80 -25.12
CA GLU A 5 -10.25 -7.71 -25.36
C GLU A 5 -10.65 -6.44 -24.63
N LEU A 6 -9.65 -5.71 -24.10
CA LEU A 6 -9.91 -4.42 -23.45
C LEU A 6 -10.31 -3.41 -24.53
N THR A 7 -11.31 -2.56 -24.24
CA THR A 7 -11.72 -1.52 -25.19
C THR A 7 -10.59 -0.46 -25.27
N PRO A 8 -10.48 0.37 -26.35
CA PRO A 8 -9.41 1.39 -26.38
C PRO A 8 -9.41 2.30 -25.14
N ASP A 9 -10.59 2.62 -24.60
CA ASP A 9 -10.72 3.43 -23.39
C ASP A 9 -10.17 2.71 -22.15
N GLN A 10 -10.40 1.39 -22.06
CA GLN A 10 -9.91 0.57 -20.95
C GLN A 10 -8.41 0.43 -21.05
N GLN A 11 -7.88 0.30 -22.29
CA GLN A 11 -6.44 0.20 -22.58
C GLN A 11 -5.73 1.45 -22.14
N THR A 12 -6.37 2.62 -22.37
CA THR A 12 -5.86 3.94 -22.01
C THR A 12 -5.78 4.09 -20.49
N LEU A 13 -6.85 3.70 -19.78
CA LEU A 13 -6.91 3.74 -18.31
C LEU A 13 -5.81 2.83 -17.74
N LEU A 14 -5.68 1.60 -18.29
CA LEU A 14 -4.66 0.66 -17.84
C LEU A 14 -3.27 1.22 -18.07
N HIS A 15 -3.01 1.81 -19.26
CA HIS A 15 -1.72 2.39 -19.57
C HIS A 15 -1.32 3.49 -18.57
N PHE A 16 -2.29 4.35 -18.18
CA PHE A 16 -2.05 5.45 -17.25
C PHE A 16 -1.72 4.97 -15.84
N ILE A 17 -2.42 3.93 -15.36
CA ILE A 17 -2.18 3.31 -14.07
C ILE A 17 -0.79 2.63 -14.08
N MET A 18 -0.50 1.82 -15.14
CA MET A 18 0.77 1.08 -15.29
CA MET A 18 0.77 1.09 -15.28
C MET A 18 1.97 2.00 -15.35
N ASP A 19 1.88 3.10 -16.10
CA ASP A 19 2.96 4.07 -16.24
C ASP A 19 3.31 4.70 -14.89
N SER A 20 2.29 5.10 -14.12
CA SER A 20 2.46 5.71 -12.80
C SER A 20 3.01 4.68 -11.79
N TYR A 21 2.48 3.44 -11.80
CA TYR A 21 2.92 2.36 -10.90
C TYR A 21 4.38 1.93 -11.13
N ASN A 22 4.78 1.77 -12.40
CA ASN A 22 6.13 1.38 -12.80
C ASN A 22 7.21 2.41 -12.40
N LYS A 23 6.79 3.68 -12.17
CA LYS A 23 7.66 4.78 -11.74
C LYS A 23 7.92 4.77 -10.23
N GLN A 24 7.13 3.99 -9.45
CA GLN A 24 7.33 3.86 -8.01
C GLN A 24 8.60 3.04 -7.80
N ARG A 25 9.46 3.50 -6.89
CA ARG A 25 10.69 2.79 -6.61
C ARG A 25 11.11 2.95 -5.16
N MET A 26 11.58 1.86 -4.54
CA MET A 26 12.15 1.96 -3.21
C MET A 26 13.66 2.13 -3.47
N PRO A 27 14.25 3.29 -3.12
CA PRO A 27 15.66 3.52 -3.46
C PRO A 27 16.64 2.52 -2.89
N GLN A 28 17.74 2.31 -3.63
CA GLN A 28 18.87 1.45 -3.28
C GLN A 28 19.51 1.91 -1.97
N GLU A 29 19.50 3.24 -1.69
CA GLU A 29 20.06 3.80 -0.44
C GLU A 29 19.37 3.18 0.77
N ILE A 30 18.04 2.97 0.68
CA ILE A 30 17.26 2.34 1.74
C ILE A 30 17.55 0.83 1.81
N THR A 31 17.44 0.14 0.66
CA THR A 31 17.65 -1.30 0.45
C THR A 31 19.03 -1.77 0.93
N ASN A 32 20.09 -0.99 0.65
CA ASN A 32 21.47 -1.30 1.05
C ASN A 32 21.68 -1.34 2.57
N LYS A 33 20.87 -0.57 3.33
CA LYS A 33 20.93 -0.52 4.80
C LYS A 33 20.60 -1.88 5.44
N ILE A 34 19.75 -2.68 4.78
CA ILE A 34 19.33 -4.03 5.21
C ILE A 34 20.56 -4.97 5.37
N LEU A 35 21.60 -4.75 4.55
CA LEU A 35 22.84 -5.55 4.55
C LEU A 35 24.00 -4.93 5.34
N LYS A 36 23.83 -3.74 5.92
CA LYS A 36 24.97 -3.09 6.59
C LYS A 36 24.80 -2.70 8.03
N GLU A 37 23.62 -2.14 8.37
CA GLU A 37 23.30 -1.65 9.71
CA GLU A 37 23.34 -1.64 9.72
C GLU A 37 23.40 -2.71 10.81
N ALA A 38 23.64 -2.29 12.07
CA ALA A 38 23.74 -3.22 13.21
C ALA A 38 22.43 -4.00 13.36
N PHE A 39 22.53 -5.24 13.81
CA PHE A 39 21.35 -6.07 14.02
C PHE A 39 20.83 -5.86 15.45
N SER A 40 20.28 -4.67 15.71
CA SER A 40 19.70 -4.29 17.00
C SER A 40 18.29 -3.77 16.77
N ALA A 41 17.41 -3.87 17.77
CA ALA A 41 16.03 -3.37 17.71
C ALA A 41 15.96 -1.94 17.18
N GLU A 42 16.85 -1.04 17.69
CA GLU A 42 16.88 0.37 17.29
CA GLU A 42 16.93 0.38 17.30
C GLU A 42 17.27 0.57 15.81
N GLU A 43 18.32 -0.12 15.34
CA GLU A 43 18.77 -0.01 13.94
C GLU A 43 17.79 -0.68 12.97
N ASN A 44 17.21 -1.81 13.38
CA ASN A 44 16.22 -2.54 12.59
C ASN A 44 14.99 -1.66 12.43
N PHE A 45 14.53 -1.03 13.53
CA PHE A 45 13.35 -0.15 13.47
C PHE A 45 13.60 1.12 12.64
N LEU A 46 14.84 1.65 12.67
CA LEU A 46 15.21 2.81 11.87
C LEU A 46 15.08 2.50 10.37
N ILE A 47 15.44 1.28 9.95
CA ILE A 47 15.28 0.84 8.55
C ILE A 47 13.78 0.81 8.19
N LEU A 48 12.94 0.25 9.06
CA LEU A 48 11.49 0.19 8.87
C LEU A 48 10.87 1.60 8.81
N THR A 49 11.44 2.56 9.56
CA THR A 49 10.99 3.97 9.56
C THR A 49 11.27 4.59 8.19
N GLU A 50 12.49 4.35 7.65
CA GLU A 50 12.90 4.81 6.34
C GLU A 50 12.00 4.21 5.25
N MET A 51 11.65 2.91 5.40
CA MET A 51 10.81 2.23 4.42
C MET A 51 9.41 2.80 4.47
N ALA A 52 8.87 3.01 5.69
CA ALA A 52 7.53 3.57 5.90
C ALA A 52 7.39 4.97 5.31
N THR A 53 8.40 5.84 5.46
CA THR A 53 8.35 7.20 4.88
C THR A 53 8.38 7.13 3.36
N ASN A 54 9.18 6.22 2.78
CA ASN A 54 9.21 6.02 1.33
C ASN A 54 7.83 5.53 0.85
N HIS A 55 7.19 4.59 1.60
CA HIS A 55 5.85 4.08 1.28
C HIS A 55 4.82 5.22 1.20
N VAL A 56 4.92 6.19 2.15
CA VAL A 56 3.99 7.33 2.22
C VAL A 56 4.17 8.27 1.03
N GLN A 57 5.42 8.59 0.69
CA GLN A 57 5.74 9.47 -0.43
C GLN A 57 5.31 8.85 -1.76
N VAL A 58 5.57 7.54 -1.93
CA VAL A 58 5.22 6.78 -3.12
C VAL A 58 3.69 6.70 -3.27
N LEU A 59 2.96 6.43 -2.18
CA LEU A 59 1.49 6.39 -2.15
C LEU A 59 0.89 7.71 -2.69
N VAL A 60 1.38 8.85 -2.21
CA VAL A 60 0.85 10.16 -2.62
C VAL A 60 1.13 10.44 -4.10
N GLU A 61 2.33 10.12 -4.58
CA GLU A 61 2.71 10.34 -5.98
C GLU A 61 1.91 9.47 -6.93
N PHE A 62 1.66 8.22 -6.54
CA PHE A 62 0.86 7.30 -7.34
C PHE A 62 -0.59 7.78 -7.42
N THR A 63 -1.18 8.13 -6.25
CA THR A 63 -2.54 8.60 -6.08
C THR A 63 -2.84 9.83 -6.95
N LYS A 64 -1.97 10.86 -6.92
CA LYS A 64 -2.11 12.12 -7.66
C LYS A 64 -2.27 11.92 -9.16
N LYS A 65 -1.61 10.88 -9.70
CA LYS A 65 -1.61 10.52 -11.12
C LYS A 65 -2.76 9.63 -11.54
N LEU A 66 -3.55 9.09 -10.59
CA LEU A 66 -4.70 8.21 -10.89
C LEU A 66 -5.72 8.96 -11.73
N PRO A 67 -6.12 8.43 -12.91
CA PRO A 67 -7.10 9.14 -13.76
C PRO A 67 -8.32 9.56 -12.97
N GLY A 68 -8.63 10.86 -13.04
CA GLY A 68 -9.77 11.45 -12.35
C GLY A 68 -9.54 11.88 -10.91
N PHE A 69 -8.44 11.44 -10.26
CA PHE A 69 -8.19 11.85 -8.86
C PHE A 69 -8.14 13.38 -8.70
N GLN A 70 -7.49 14.08 -9.64
CA GLN A 70 -7.36 15.54 -9.63
C GLN A 70 -8.69 16.28 -9.78
N THR A 71 -9.72 15.61 -10.32
CA THR A 71 -11.07 16.18 -10.54
C THR A 71 -11.93 16.13 -9.26
N LEU A 72 -11.46 15.43 -8.21
CA LEU A 72 -12.23 15.31 -6.98
C LEU A 72 -12.09 16.57 -6.11
N ASP A 73 -13.06 16.78 -5.19
CA ASP A 73 -13.12 17.86 -4.20
C ASP A 73 -11.84 17.70 -3.38
N HIS A 74 -11.11 18.80 -3.18
CA HIS A 74 -9.82 18.79 -2.48
C HIS A 74 -9.86 18.07 -1.12
N GLU A 75 -10.92 18.30 -0.31
CA GLU A 75 -11.07 17.63 0.99
C GLU A 75 -11.26 16.13 0.83
N ASP A 76 -11.96 15.70 -0.23
CA ASP A 76 -12.18 14.28 -0.54
C ASP A 76 -10.88 13.62 -0.95
N GLN A 77 -9.97 14.37 -1.61
CA GLN A 77 -8.64 13.86 -2.02
C GLN A 77 -7.81 13.47 -0.78
N ILE A 78 -7.87 14.31 0.27
CA ILE A 78 -7.18 14.13 1.55
C ILE A 78 -7.81 12.96 2.31
N ALA A 79 -9.15 12.90 2.35
CA ALA A 79 -9.89 11.84 3.04
C ALA A 79 -9.55 10.46 2.47
N LEU A 80 -9.39 10.37 1.15
CA LEU A 80 -9.04 9.12 0.48
C LEU A 80 -7.60 8.72 0.83
N LEU A 81 -6.65 9.68 0.77
CA LEU A 81 -5.26 9.41 1.11
C LEU A 81 -5.14 8.88 2.55
N LYS A 82 -5.77 9.61 3.53
CA LYS A 82 -5.77 9.24 4.95
CA LYS A 82 -5.72 9.21 4.94
CA LYS A 82 -5.77 9.24 4.95
C LYS A 82 -6.39 7.85 5.18
N GLY A 83 -7.54 7.62 4.56
CA GLY A 83 -8.27 6.38 4.70
C GLY A 83 -7.63 5.16 4.07
N SER A 84 -6.95 5.34 2.95
CA SER A 84 -6.34 4.22 2.23
C SER A 84 -4.87 3.97 2.55
N ALA A 85 -4.20 4.91 3.27
CA ALA A 85 -2.76 4.84 3.57
C ALA A 85 -2.28 3.48 4.09
N VAL A 86 -2.86 2.94 5.18
CA VAL A 86 -2.45 1.65 5.75
C VAL A 86 -2.54 0.52 4.72
N GLU A 87 -3.70 0.36 4.08
CA GLU A 87 -3.95 -0.71 3.10
C GLU A 87 -2.98 -0.64 1.91
N ALA A 88 -2.77 0.54 1.33
CA ALA A 88 -1.84 0.68 0.20
C ALA A 88 -0.38 0.41 0.62
N MET A 89 0.03 0.83 1.83
CA MET A 89 1.36 0.60 2.40
C MET A 89 1.58 -0.91 2.61
N PHE A 90 0.60 -1.63 3.23
CA PHE A 90 0.72 -3.08 3.43
C PHE A 90 0.82 -3.82 2.09
N LEU A 91 0.00 -3.42 1.10
CA LEU A 91 -0.01 -4.01 -0.26
C LEU A 91 1.33 -3.81 -0.98
N ARG A 92 1.91 -2.59 -0.90
CA ARG A 92 3.20 -2.35 -1.54
CA ARG A 92 3.22 -2.31 -1.52
C ARG A 92 4.31 -3.08 -0.80
N SER A 93 4.26 -3.14 0.56
CA SER A 93 5.28 -3.85 1.33
C SER A 93 5.35 -5.34 0.98
N ALA A 94 4.20 -5.93 0.58
CA ALA A 94 4.09 -7.32 0.13
C ALA A 94 4.79 -7.45 -1.23
N GLU A 95 4.60 -6.46 -2.12
CA GLU A 95 5.26 -6.48 -3.43
C GLU A 95 6.79 -6.33 -3.26
N ILE A 96 7.25 -5.44 -2.35
CA ILE A 96 8.67 -5.25 -2.08
C ILE A 96 9.28 -6.56 -1.58
N PHE A 97 8.67 -7.13 -0.53
CA PHE A 97 9.13 -8.35 0.10
C PHE A 97 9.16 -9.55 -0.84
N ASN A 98 8.06 -9.81 -1.58
CA ASN A 98 7.95 -10.98 -2.45
C ASN A 98 8.57 -10.85 -3.86
N LYS A 99 8.64 -9.63 -4.42
CA LYS A 99 9.09 -9.48 -5.81
C LYS A 99 10.26 -8.54 -6.07
N LYS A 100 10.35 -7.41 -5.36
CA LYS A 100 11.37 -6.39 -5.62
C LYS A 100 12.73 -6.68 -5.00
N LEU A 101 12.74 -7.36 -3.85
CA LEU A 101 13.99 -7.68 -3.18
C LEU A 101 14.51 -9.06 -3.53
N PRO A 102 15.84 -9.21 -3.75
CA PRO A 102 16.37 -10.57 -3.93
C PRO A 102 16.19 -11.39 -2.65
N SER A 103 16.16 -12.73 -2.76
CA SER A 103 15.95 -13.66 -1.65
C SER A 103 16.76 -13.33 -0.39
N GLY A 104 18.04 -13.01 -0.56
CA GLY A 104 18.98 -12.66 0.52
C GLY A 104 18.60 -11.40 1.27
N HIS A 105 18.16 -10.36 0.53
CA HIS A 105 17.71 -9.09 1.11
C HIS A 105 16.41 -9.32 1.86
N SER A 106 15.44 -10.08 1.26
CA SER A 106 14.16 -10.36 1.90
C SER A 106 14.34 -11.21 3.15
N ASP A 107 15.28 -12.20 3.13
CA ASP A 107 15.58 -13.02 4.32
C ASP A 107 16.11 -12.13 5.46
N LEU A 108 17.00 -11.17 5.13
CA LEU A 108 17.54 -10.25 6.14
C LEU A 108 16.51 -9.22 6.57
N LEU A 109 15.62 -8.77 5.67
CA LEU A 109 14.56 -7.83 6.02
C LEU A 109 13.61 -8.48 7.01
N GLU A 110 13.22 -9.75 6.76
CA GLU A 110 12.38 -10.51 7.68
C GLU A 110 13.05 -10.61 9.05
N ALA A 111 14.37 -10.92 9.06
CA ALA A 111 15.18 -11.03 10.29
C ALA A 111 15.09 -9.74 11.10
N ARG A 112 15.21 -8.61 10.42
CA ARG A 112 15.16 -7.27 11.00
C ARG A 112 13.78 -6.94 11.53
N ILE A 113 12.71 -7.24 10.75
CA ILE A 113 11.30 -7.02 11.14
C ILE A 113 10.99 -7.77 12.43
N ARG A 114 11.42 -9.05 12.51
CA ARG A 114 11.23 -9.95 13.65
C ARG A 114 12.08 -9.59 14.89
N ASN A 115 13.08 -8.71 14.73
CA ASN A 115 13.97 -8.29 15.81
C ASN A 115 13.98 -6.76 15.94
N SER A 116 12.80 -6.14 15.82
CA SER A 116 12.66 -4.69 15.95
CA SER A 116 12.60 -4.69 15.92
C SER A 116 11.87 -4.29 17.21
N GLY A 117 11.53 -5.29 18.02
CA GLY A 117 10.81 -5.11 19.28
C GLY A 117 9.30 -5.00 19.09
N ILE A 118 8.79 -5.44 17.93
CA ILE A 118 7.36 -5.39 17.63
C ILE A 118 6.77 -6.74 18.01
N SER A 119 5.66 -6.72 18.75
CA SER A 119 4.92 -7.90 19.22
C SER A 119 4.54 -8.83 18.07
N ASP A 120 4.63 -10.15 18.31
CA ASP A 120 4.27 -11.19 17.33
C ASP A 120 2.81 -11.08 16.89
N GLU A 121 1.94 -10.46 17.74
CA GLU A 121 0.52 -10.21 17.48
C GLU A 121 0.34 -9.43 16.18
N TYR A 122 1.30 -8.56 15.83
CA TYR A 122 1.23 -7.73 14.62
C TYR A 122 2.15 -8.23 13.49
N ILE A 123 3.21 -8.97 13.85
CA ILE A 123 4.17 -9.50 12.88
C ILE A 123 3.64 -10.77 12.17
N THR A 124 3.03 -11.70 12.94
CA THR A 124 2.45 -12.95 12.39
C THR A 124 1.41 -12.66 11.27
N PRO A 125 0.37 -11.79 11.46
CA PRO A 125 -0.58 -11.54 10.35
C PRO A 125 0.05 -10.94 9.11
N MET A 126 1.12 -10.16 9.27
CA MET A 126 1.85 -9.51 8.17
C MET A 126 2.47 -10.55 7.24
N PHE A 127 3.32 -11.45 7.78
CA PHE A 127 3.97 -12.51 6.99
C PHE A 127 2.96 -13.53 6.45
N SER A 128 1.83 -13.72 7.17
CA SER A 128 0.75 -14.58 6.71
C SER A 128 0.12 -13.96 5.45
N PHE A 129 -0.09 -12.63 5.46
CA PHE A 129 -0.62 -11.92 4.30
C PHE A 129 0.35 -11.98 3.11
N TYR A 130 1.67 -11.80 3.38
CA TYR A 130 2.71 -11.86 2.35
C TYR A 130 2.69 -13.23 1.66
N LYS A 131 2.50 -14.32 2.44
CA LYS A 131 2.41 -15.68 1.90
C LYS A 131 1.13 -15.87 1.08
N SER A 132 -0.03 -15.43 1.61
CA SER A 132 -1.34 -15.57 0.97
C SER A 132 -1.43 -14.86 -0.37
N ILE A 133 -0.85 -13.64 -0.46
CA ILE A 133 -0.82 -12.88 -1.70
C ILE A 133 0.21 -13.49 -2.67
N GLY A 134 1.30 -14.05 -2.13
CA GLY A 134 2.36 -14.71 -2.89
C GLY A 134 1.85 -15.93 -3.65
N GLU A 135 0.83 -16.60 -3.09
CA GLU A 135 0.16 -17.77 -3.67
C GLU A 135 -0.56 -17.42 -4.97
N LEU A 136 -1.05 -16.17 -5.08
CA LEU A 136 -1.81 -15.70 -6.24
C LEU A 136 -0.94 -15.47 -7.48
N LYS A 137 0.41 -15.38 -7.31
CA LYS A 137 1.37 -15.13 -8.40
C LYS A 137 0.91 -13.90 -9.21
N MET A 138 0.56 -12.84 -8.47
CA MET A 138 0.01 -11.61 -9.03
C MET A 138 0.96 -10.92 -9.99
N THR A 139 0.42 -10.55 -11.17
CA THR A 139 1.16 -9.82 -12.21
C THR A 139 1.34 -8.38 -11.73
N GLN A 140 2.20 -7.60 -12.43
CA GLN A 140 2.41 -6.18 -12.13
C GLN A 140 1.09 -5.39 -12.38
N GLU A 141 0.29 -5.79 -13.41
CA GLU A 141 -1.00 -5.17 -13.74
C GLU A 141 -2.02 -5.36 -12.60
N GLU A 142 -2.03 -6.55 -11.99
CA GLU A 142 -2.92 -6.86 -10.88
C GLU A 142 -2.54 -6.08 -9.64
N TYR A 143 -1.22 -5.95 -9.37
CA TYR A 143 -0.74 -5.14 -8.23
C TYR A 143 -1.12 -3.68 -8.39
N ALA A 144 -0.93 -3.14 -9.61
CA ALA A 144 -1.23 -1.74 -9.89
C ALA A 144 -2.74 -1.46 -9.81
N LEU A 145 -3.57 -2.32 -10.42
CA LEU A 145 -5.02 -2.13 -10.38
C LEU A 145 -5.56 -2.31 -8.97
N LEU A 146 -5.08 -3.34 -8.22
CA LEU A 146 -5.52 -3.56 -6.85
C LEU A 146 -5.18 -2.34 -5.97
N THR A 147 -3.98 -1.75 -6.17
CA THR A 147 -3.55 -0.55 -5.43
C THR A 147 -4.48 0.64 -5.70
N ALA A 148 -4.80 0.89 -6.98
CA ALA A 148 -5.72 1.96 -7.39
C ALA A 148 -7.12 1.77 -6.78
N ILE A 149 -7.60 0.52 -6.77
CA ILE A 149 -8.90 0.13 -6.22
C ILE A 149 -8.97 0.36 -4.72
N VAL A 150 -7.89 0.02 -3.98
CA VAL A 150 -7.76 0.26 -2.54
C VAL A 150 -7.83 1.78 -2.26
N ILE A 151 -7.05 2.58 -3.01
CA ILE A 151 -7.00 4.04 -2.86
C ILE A 151 -8.33 4.71 -3.16
N LEU A 152 -8.94 4.33 -4.29
CA LEU A 152 -10.20 4.91 -4.71
C LEU A 152 -11.42 4.21 -4.06
N SER A 153 -11.31 3.82 -2.77
CA SER A 153 -12.42 3.19 -2.07
CA SER A 153 -12.42 3.20 -2.06
C SER A 153 -13.43 4.27 -1.66
N PRO A 154 -14.69 4.20 -2.14
CA PRO A 154 -15.66 5.26 -1.80
C PRO A 154 -16.22 5.28 -0.38
N ASP A 155 -15.98 4.22 0.42
CA ASP A 155 -16.53 4.14 1.77
C ASP A 155 -15.54 4.52 2.88
N ARG A 156 -14.58 5.42 2.57
CA ARG A 156 -13.64 5.91 3.59
C ARG A 156 -14.40 6.94 4.42
N GLN A 157 -13.95 7.16 5.65
CA GLN A 157 -14.56 8.15 6.53
C GLN A 157 -14.32 9.55 5.97
N TYR A 158 -15.31 10.43 6.13
CA TYR A 158 -15.32 11.86 5.80
C TYR A 158 -15.17 12.23 4.29
N ILE A 159 -15.76 11.42 3.37
CA ILE A 159 -15.81 11.75 1.94
C ILE A 159 -17.16 12.48 1.74
N LYS A 160 -17.14 13.67 1.14
CA LYS A 160 -18.33 14.49 0.90
C LYS A 160 -19.14 14.08 -0.34
N ASP A 161 -18.46 13.62 -1.41
CA ASP A 161 -19.08 13.17 -2.65
C ASP A 161 -18.59 11.74 -3.01
N ARG A 162 -19.23 10.73 -2.39
CA ARG A 162 -18.94 9.31 -2.57
CA ARG A 162 -18.96 9.29 -2.55
C ARG A 162 -19.19 8.82 -3.98
N GLU A 163 -20.25 9.33 -4.63
CA GLU A 163 -20.63 8.95 -6.00
C GLU A 163 -19.55 9.30 -7.01
N ALA A 164 -18.87 10.44 -6.79
CA ALA A 164 -17.76 10.88 -7.65
C ALA A 164 -16.59 9.87 -7.55
N VAL A 165 -16.35 9.30 -6.33
CA VAL A 165 -15.28 8.30 -6.08
C VAL A 165 -15.67 6.97 -6.74
N GLU A 166 -16.96 6.58 -6.61
CA GLU A 166 -17.53 5.37 -7.21
C GLU A 166 -17.33 5.35 -8.73
N LYS A 167 -17.52 6.51 -9.41
CA LYS A 167 -17.33 6.66 -10.87
C LYS A 167 -15.86 6.48 -11.26
N LEU A 168 -14.93 6.70 -10.31
CA LEU A 168 -13.50 6.49 -10.56
C LEU A 168 -13.10 5.06 -10.24
N GLN A 169 -13.68 4.45 -9.20
CA GLN A 169 -13.33 3.09 -8.82
C GLN A 169 -13.93 1.99 -9.73
N GLU A 170 -15.20 2.16 -10.15
CA GLU A 170 -15.91 1.17 -10.97
C GLU A 170 -15.20 0.81 -12.29
N PRO A 171 -14.66 1.75 -13.12
CA PRO A 171 -13.95 1.33 -14.34
C PRO A 171 -12.71 0.49 -14.04
N LEU A 172 -12.05 0.73 -12.88
CA LEU A 172 -10.86 -0.05 -12.49
C LEU A 172 -11.19 -1.50 -12.14
N LEU A 173 -12.32 -1.72 -11.43
CA LEU A 173 -12.81 -3.06 -11.09
C LEU A 173 -13.21 -3.80 -12.35
N ASP A 174 -13.78 -3.07 -13.34
CA ASP A 174 -14.20 -3.64 -14.64
C ASP A 174 -13.00 -4.10 -15.45
N VAL A 175 -11.92 -3.29 -15.48
CA VAL A 175 -10.67 -3.61 -16.17
C VAL A 175 -10.01 -4.83 -15.52
N LEU A 176 -9.94 -4.86 -14.17
CA LEU A 176 -9.36 -5.99 -13.44
C LEU A 176 -10.08 -7.31 -13.72
N GLN A 177 -11.42 -7.31 -13.70
CA GLN A 177 -12.17 -8.53 -13.96
C GLN A 177 -11.99 -9.01 -15.41
N LYS A 178 -11.95 -8.06 -16.36
CA LYS A 178 -11.75 -8.35 -17.79
C LYS A 178 -10.37 -8.98 -18.00
N LEU A 179 -9.33 -8.42 -17.33
CA LEU A 179 -7.97 -8.94 -17.37
C LEU A 179 -7.89 -10.37 -16.84
N CYS A 180 -8.70 -10.70 -15.80
CA CYS A 180 -8.77 -12.06 -15.25
C CYS A 180 -9.38 -12.99 -16.29
N LYS A 181 -10.46 -12.54 -16.98
CA LYS A 181 -11.12 -13.34 -18.02
C LYS A 181 -10.21 -13.60 -19.22
N ILE A 182 -9.34 -12.62 -19.55
CA ILE A 182 -8.39 -12.70 -20.65
C ILE A 182 -7.21 -13.62 -20.31
N HIS A 183 -6.52 -13.36 -19.17
CA HIS A 183 -5.31 -14.08 -18.77
C HIS A 183 -5.55 -15.42 -18.08
N GLN A 184 -6.72 -15.62 -17.44
CA GLN A 184 -7.05 -16.87 -16.75
C GLN A 184 -8.46 -17.35 -17.22
N PRO A 185 -8.66 -17.68 -18.52
CA PRO A 185 -10.00 -18.12 -18.95
C PRO A 185 -10.46 -19.46 -18.37
N GLU A 186 -9.51 -20.34 -17.99
CA GLU A 186 -9.80 -21.65 -17.38
C GLU A 186 -10.08 -21.53 -15.88
N ASN A 187 -9.70 -20.39 -15.27
CA ASN A 187 -9.87 -20.14 -13.83
C ASN A 187 -10.88 -19.00 -13.57
N PRO A 188 -12.21 -19.28 -13.56
CA PRO A 188 -13.19 -18.21 -13.35
C PRO A 188 -13.28 -17.69 -11.91
N GLN A 189 -12.55 -18.31 -10.96
CA GLN A 189 -12.53 -17.89 -9.57
C GLN A 189 -11.33 -16.96 -9.26
N HIS A 190 -10.56 -16.58 -10.29
CA HIS A 190 -9.37 -15.74 -10.10
C HIS A 190 -9.69 -14.32 -9.59
N PHE A 191 -10.74 -13.69 -10.13
CA PHE A 191 -11.13 -12.35 -9.70
C PHE A 191 -11.59 -12.40 -8.23
N ALA A 192 -12.32 -13.48 -7.86
CA ALA A 192 -12.80 -13.75 -6.50
C ALA A 192 -11.62 -13.84 -5.53
N CYS A 193 -10.52 -14.51 -5.94
CA CYS A 193 -9.27 -14.64 -5.18
C CYS A 193 -8.64 -13.26 -4.94
N LEU A 194 -8.69 -12.36 -5.96
CA LEU A 194 -8.13 -11.02 -5.85
C LEU A 194 -8.95 -10.17 -4.84
N LEU A 195 -10.29 -10.37 -4.81
CA LEU A 195 -11.21 -9.70 -3.86
C LEU A 195 -10.91 -10.10 -2.43
N GLY A 196 -10.49 -11.35 -2.23
CA GLY A 196 -10.09 -11.90 -0.94
C GLY A 196 -8.96 -11.12 -0.30
N ARG A 197 -8.03 -10.60 -1.14
CA ARG A 197 -6.93 -9.78 -0.66
C ARG A 197 -7.37 -8.41 -0.21
N LEU A 198 -8.46 -7.85 -0.80
CA LEU A 198 -9.00 -6.54 -0.41
C LEU A 198 -9.51 -6.58 1.02
N THR A 199 -10.31 -7.62 1.38
CA THR A 199 -10.83 -7.80 2.74
C THR A 199 -9.70 -8.14 3.70
N GLU A 200 -8.71 -8.94 3.26
CA GLU A 200 -7.54 -9.27 4.09
C GLU A 200 -6.75 -7.98 4.41
N LEU A 201 -6.70 -7.02 3.46
CA LEU A 201 -6.03 -5.73 3.65
C LEU A 201 -6.77 -4.86 4.67
N ARG A 202 -8.11 -4.90 4.65
CA ARG A 202 -8.97 -4.14 5.58
C ARG A 202 -8.71 -4.46 7.04
N THR A 203 -8.38 -5.73 7.36
CA THR A 203 -8.11 -6.18 8.73
C THR A 203 -6.88 -5.49 9.32
N PHE A 204 -5.97 -5.03 8.46
CA PHE A 204 -4.77 -4.32 8.91
C PHE A 204 -5.04 -2.93 9.41
N ASN A 205 -6.23 -2.36 9.13
CA ASN A 205 -6.55 -1.01 9.62
C ASN A 205 -6.54 -0.99 11.13
N HIS A 206 -7.18 -2.02 11.78
CA HIS A 206 -7.22 -2.09 13.24
CA HIS A 206 -7.25 -2.17 13.24
C HIS A 206 -5.91 -2.61 13.81
N HIS A 207 -5.28 -3.65 13.19
CA HIS A 207 -3.99 -4.21 13.63
C HIS A 207 -2.92 -3.13 13.72
N HIS A 208 -2.82 -2.27 12.69
CA HIS A 208 -1.86 -1.17 12.59
C HIS A 208 -2.12 -0.09 13.65
N ALA A 209 -3.40 0.28 13.86
CA ALA A 209 -3.79 1.29 14.84
C ALA A 209 -3.45 0.79 16.25
N GLU A 210 -3.72 -0.51 16.54
CA GLU A 210 -3.44 -1.14 17.84
C GLU A 210 -1.92 -1.22 18.06
N MET A 211 -1.16 -1.50 16.97
CA MET A 211 0.31 -1.58 16.96
CA MET A 211 0.30 -1.58 17.00
C MET A 211 0.89 -0.24 17.42
N LEU A 212 0.49 0.87 16.76
CA LEU A 212 0.96 2.22 17.08
C LEU A 212 0.67 2.63 18.52
N MET A 213 -0.53 2.28 19.03
CA MET A 213 -0.94 2.59 20.41
C MET A 213 -0.16 1.78 21.45
N SER A 214 0.36 0.59 21.06
CA SER A 214 1.15 -0.30 21.93
C SER A 214 2.56 0.26 22.21
N TRP A 215 3.05 1.17 21.36
CA TRP A 215 4.36 1.80 21.52
C TRP A 215 4.17 3.09 22.35
N ARG A 216 4.87 3.20 23.50
CA ARG A 216 4.73 4.38 24.36
C ARG A 216 5.73 5.48 23.98
N VAL A 217 5.38 6.76 24.30
CA VAL A 217 6.09 8.00 23.98
C VAL A 217 7.62 7.92 24.16
N ASN A 218 8.09 7.39 25.30
CA ASN A 218 9.53 7.27 25.60
C ASN A 218 10.25 6.11 24.86
N ASP A 219 9.50 5.17 24.25
CA ASP A 219 10.10 4.05 23.52
C ASP A 219 10.69 4.50 22.18
N HIS A 220 11.79 3.85 21.73
CA HIS A 220 12.47 4.17 20.47
C HIS A 220 11.55 4.03 19.24
N LYS A 221 10.49 3.20 19.34
CA LYS A 221 9.55 2.97 18.25
C LYS A 221 8.57 4.11 18.01
N PHE A 222 8.35 4.98 19.02
CA PHE A 222 7.44 6.11 18.89
C PHE A 222 8.02 7.08 17.86
N THR A 223 7.36 7.19 16.71
CA THR A 223 7.82 8.01 15.58
C THR A 223 6.72 9.01 15.21
N PRO A 224 6.75 10.20 15.83
CA PRO A 224 5.69 11.19 15.59
C PRO A 224 5.37 11.53 14.14
N LEU A 225 6.38 11.60 13.22
CA LEU A 225 6.11 11.91 11.80
C LEU A 225 5.07 10.96 11.20
N LEU A 226 5.24 9.66 11.44
CA LEU A 226 4.32 8.66 10.90
C LEU A 226 3.08 8.46 11.75
N CYS A 227 3.26 8.29 13.08
CA CYS A 227 2.18 8.03 14.02
C CYS A 227 1.09 9.11 14.03
N GLU A 228 1.45 10.41 13.85
CA GLU A 228 0.45 11.48 13.87
C GLU A 228 -0.36 11.56 12.54
N ILE A 229 -0.03 10.76 11.50
CA ILE A 229 -0.84 10.65 10.27
C ILE A 229 -2.21 10.04 10.70
N TRP A 230 -2.22 9.21 11.77
CA TRP A 230 -3.41 8.51 12.30
C TRP A 230 -3.89 9.01 13.68
N ASP A 231 -3.06 9.79 14.40
CA ASP A 231 -3.41 10.31 15.73
C ASP A 231 -4.17 11.63 15.61
N HIS B 3 -3.19 15.61 9.80
CA HIS B 3 -3.51 16.16 8.48
C HIS B 3 -2.29 16.68 7.72
N GLN B 4 -1.49 17.55 8.39
CA GLN B 4 -0.30 18.28 7.96
C GLN B 4 0.55 17.63 6.85
N LEU B 5 1.18 16.46 7.11
CA LEU B 5 2.07 15.83 6.12
C LEU B 5 1.37 15.43 4.80
N LEU B 6 0.26 14.67 4.86
CA LEU B 6 -0.45 14.26 3.64
C LEU B 6 -0.90 15.47 2.81
N ARG B 7 -1.32 16.57 3.49
CA ARG B 7 -1.72 17.80 2.81
CA ARG B 7 -1.72 17.83 2.84
C ARG B 7 -0.54 18.41 2.04
N TYR B 8 0.66 18.50 2.67
CA TYR B 8 1.85 19.04 2.01
C TYR B 8 2.24 18.23 0.78
N LEU B 9 2.35 16.90 0.92
CA LEU B 9 2.74 16.02 -0.20
C LEU B 9 1.77 16.06 -1.38
N LEU B 10 0.46 16.17 -1.12
CA LEU B 10 -0.53 16.22 -2.20
C LEU B 10 -0.45 17.53 -2.99
N ASP B 11 -0.39 18.66 -2.27
CA ASP B 11 -0.42 20.04 -2.78
C ASP B 11 0.90 20.57 -3.34
N LYS B 12 2.03 19.90 -3.07
CA LYS B 12 3.31 20.31 -3.63
C LYS B 12 3.36 19.83 -5.10
N ASP B 13 4.34 20.33 -5.88
CA ASP B 13 4.49 19.94 -7.27
C ASP B 13 5.70 19.02 -7.48
N3 9MA C . 7.21 0.19 9.24
C4 9MA C . 4.21 3.35 11.36
C5 9MA C . 4.59 2.30 10.47
C7 9MA C . 6.91 2.50 11.36
C8 9MA C . 6.49 3.49 12.19
C13 9MA C . 6.68 -1.99 10.27
C15 9MA C . 7.11 -4.03 9.03
C17 9MA C . 6.66 -3.38 10.17
C20 9MA C . 4.40 -0.24 7.98
C21 9MA C . 4.75 -0.08 6.64
C22 9MA C . 3.66 -1.39 8.27
C26 9MA C . 3.31 -2.32 7.33
C19 9MA C . 8.17 -1.13 6.81
C14 9MA C . 7.64 -1.90 7.99
C16 9MA C . 7.60 -3.29 7.95
C18 9MA C . 6.17 -1.33 11.54
C12 9MA C . 7.18 -1.25 9.17
C2 9MA C . 6.05 0.88 9.54
C1 9MA C . 4.78 0.73 9.02
N10 9MA C . 3.88 1.61 9.59
C9 9MA C . 5.13 3.93 12.20
C11 9MA C . 8.32 2.02 11.32
N6 9MA C . 5.95 1.91 10.51
F24 9MA C . 5.48 1.00 6.31
C27 9MA C . 4.42 -0.99 5.66
C25 9MA C . 3.69 -2.11 6.01
F23 9MA C . 3.28 -1.58 9.56
#